data_3PLN
#
_entry.id   3PLN
#
_cell.length_a   106.940
_cell.length_b   63.217
_cell.length_c   79.152
_cell.angle_alpha   90.00
_cell.angle_beta   114.09
_cell.angle_gamma   90.00
#
_symmetry.space_group_name_H-M   'C 1 2 1'
#
loop_
_entity.id
_entity.type
_entity.pdbx_description
1 polymer 'UDP-glucose 6-dehydrogenase'
2 non-polymer "URIDINE-5'-MONOPHOSPHATE"
3 water water
#
_entity_poly.entity_id   1
_entity_poly.type   'polypeptide(L)'
_entity_poly.pdbx_seq_one_letter_code
;MGSSHHHHHHSSGLVPRGSHMASMTGGQQMGRGSEFMKITISGTGYVGLSNGVLIAQNHEVVALDIVQAKVDMLNQKISP
IVDKEIQEYLAEKPLNFRATTDKHDAYRNADYVIIATPTDYDPKTNYFNTSTVEAVIRDVTEINPNAVMIIKSTIPVGFT
RDIKERLGIDNVIFSPEFLREGRALYDNLHPSRIVIGERSARAERFADLLKEGAIKQDIPTLFTDSTEAEAIKLFANTYL
ALRVAYFNELDSYAESQGLNSKQIIEGVCLDPRIGNHYNNPSFGYGGYCLPKDTKQLLANYESVPNNIIAAIVDANRTRK
DFIADSILARKPKVVGVYRLIMKSGSDNFRASSIQGIMKRIKAKGIPVIIYEPVMQEDEFFNSRVVRDLNAFKQEADVII
SNRMAEELADVADKVYTRDLFGND
;
_entity_poly.pdbx_strand_id   A
#
loop_
_chem_comp.id
_chem_comp.type
_chem_comp.name
_chem_comp.formula
U5P non-polymer URIDINE-5'-MONOPHOSPHATE 'C9 H13 N2 O9 P'
#
# COMPACT_ATOMS: atom_id res chain seq x y z
N GLY A 33 -5.88 -30.81 -15.89
CA GLY A 33 -5.04 -30.27 -17.00
C GLY A 33 -4.57 -28.86 -16.67
N SER A 34 -3.29 -28.72 -16.35
CA SER A 34 -2.78 -27.40 -16.00
C SER A 34 -2.35 -26.60 -17.25
N GLU A 35 -2.43 -27.20 -18.44
CA GLU A 35 -2.01 -26.49 -19.63
C GLU A 35 -2.83 -25.22 -19.94
N PHE A 36 -4.16 -25.27 -19.69
CA PHE A 36 -5.02 -24.11 -19.96
C PHE A 36 -6.18 -24.18 -18.95
N MET A 37 -6.07 -23.36 -17.93
CA MET A 37 -7.02 -23.36 -16.83
C MET A 37 -8.00 -22.21 -16.89
N LYS A 38 -9.03 -22.26 -16.03
CA LYS A 38 -9.94 -21.10 -15.90
C LYS A 38 -9.65 -20.52 -14.50
N ILE A 39 -9.36 -19.22 -14.50
CA ILE A 39 -9.10 -18.49 -13.25
C ILE A 39 -10.09 -17.35 -13.17
N THR A 40 -10.87 -17.32 -12.09
CA THR A 40 -11.85 -16.24 -11.93
C THR A 40 -11.25 -15.22 -10.95
N ILE A 41 -11.40 -13.94 -11.27
CA ILE A 41 -10.95 -12.87 -10.35
C ILE A 41 -12.24 -12.29 -9.72
N SER A 42 -12.31 -12.24 -8.39
CA SER A 42 -13.46 -11.64 -7.71
C SER A 42 -12.89 -10.36 -7.11
N GLY A 43 -13.24 -9.22 -7.72
CA GLY A 43 -12.69 -7.96 -7.28
C GLY A 43 -11.93 -7.36 -8.44
N THR A 44 -12.32 -6.18 -8.90
CA THR A 44 -11.63 -5.60 -10.05
C THR A 44 -10.83 -4.34 -9.76
N GLY A 45 -10.34 -4.23 -8.52
CA GLY A 45 -9.46 -3.13 -8.19
C GLY A 45 -8.09 -3.45 -8.76
N TYR A 46 -7.07 -2.67 -8.41
CA TYR A 46 -5.77 -2.89 -8.99
C TYR A 46 -5.16 -4.28 -8.71
N VAL A 47 -5.39 -4.83 -7.52
CA VAL A 47 -4.86 -6.18 -7.25
C VAL A 47 -5.51 -7.23 -8.13
N GLY A 48 -6.84 -7.24 -8.19
CA GLY A 48 -7.51 -8.26 -8.98
C GLY A 48 -7.29 -8.08 -10.46
N LEU A 49 -7.38 -6.85 -10.93
CA LEU A 49 -7.20 -6.65 -12.36
C LEU A 49 -5.77 -6.89 -12.82
N SER A 50 -4.76 -6.54 -12.00
CA SER A 50 -3.37 -6.79 -12.36
C SER A 50 -3.16 -8.29 -12.50
N ASN A 51 -3.65 -9.03 -11.51
CA ASN A 51 -3.45 -10.50 -11.56
C ASN A 51 -4.22 -11.12 -12.73
N GLY A 52 -5.42 -10.61 -12.95
CA GLY A 52 -6.24 -11.12 -14.06
C GLY A 52 -5.60 -10.88 -15.42
N VAL A 53 -5.16 -9.64 -15.69
CA VAL A 53 -4.56 -9.37 -16.99
C VAL A 53 -3.28 -10.19 -17.14
N LEU A 54 -2.46 -10.30 -16.08
CA LEU A 54 -1.25 -11.11 -16.16
C LEU A 54 -1.56 -12.58 -16.59
N ILE A 55 -2.54 -13.19 -15.94
CA ILE A 55 -2.85 -14.60 -16.15
C ILE A 55 -3.62 -14.78 -17.48
N ALA A 56 -4.32 -13.75 -17.94
CA ALA A 56 -5.14 -13.90 -19.17
C ALA A 56 -4.23 -13.99 -20.40
N GLN A 57 -2.95 -13.74 -20.24
CA GLN A 57 -2.04 -13.89 -21.37
C GLN A 57 -1.92 -15.37 -21.72
N ASN A 58 -2.12 -16.28 -20.76
CA ASN A 58 -1.94 -17.71 -21.02
C ASN A 58 -3.10 -18.62 -20.65
N HIS A 59 -4.10 -18.11 -19.94
CA HIS A 59 -5.22 -18.94 -19.49
C HIS A 59 -6.51 -18.21 -19.70
N GLU A 60 -7.62 -18.83 -19.32
CA GLU A 60 -8.95 -18.20 -19.46
C GLU A 60 -9.26 -17.46 -18.14
N VAL A 61 -9.44 -16.16 -18.23
CA VAL A 61 -9.75 -15.40 -17.00
C VAL A 61 -11.11 -14.76 -17.12
N VAL A 62 -11.89 -14.85 -16.06
CA VAL A 62 -13.22 -14.25 -16.03
C VAL A 62 -13.25 -13.37 -14.76
N ALA A 63 -13.52 -12.07 -14.96
CA ALA A 63 -13.60 -11.11 -13.86
C ALA A 63 -15.03 -10.92 -13.42
N LEU A 64 -15.28 -11.11 -12.13
CA LEU A 64 -16.63 -10.91 -11.56
C LEU A 64 -16.68 -9.60 -10.80
N ASP A 65 -17.67 -8.78 -11.11
CA ASP A 65 -17.83 -7.57 -10.33
C ASP A 65 -19.34 -7.36 -10.18
N ILE A 66 -19.73 -6.73 -9.07
CA ILE A 66 -21.13 -6.48 -8.76
C ILE A 66 -21.69 -5.31 -9.59
N VAL A 67 -20.80 -4.41 -9.99
CA VAL A 67 -21.19 -3.22 -10.75
C VAL A 67 -21.24 -3.43 -12.23
N GLN A 68 -22.45 -3.44 -12.77
CA GLN A 68 -22.64 -3.66 -14.19
C GLN A 68 -21.84 -2.71 -15.09
N ALA A 69 -21.73 -1.45 -14.68
CA ALA A 69 -21.00 -0.48 -15.48
C ALA A 69 -19.52 -0.87 -15.61
N LYS A 70 -18.96 -1.41 -14.53
CA LYS A 70 -17.54 -1.79 -14.55
C LYS A 70 -17.34 -2.99 -15.49
N VAL A 71 -18.29 -3.94 -15.45
CA VAL A 71 -18.24 -5.11 -16.31
C VAL A 71 -18.34 -4.71 -17.79
N ASP A 72 -19.26 -3.78 -18.10
CA ASP A 72 -19.41 -3.38 -19.49
C ASP A 72 -18.13 -2.71 -19.98
N MET A 73 -17.53 -1.86 -19.15
CA MET A 73 -16.28 -1.23 -19.53
C MET A 73 -15.24 -2.30 -19.81
N LEU A 74 -15.05 -3.24 -18.87
CA LEU A 74 -14.03 -4.27 -19.09
C LEU A 74 -14.25 -5.09 -20.37
N ASN A 75 -15.51 -5.35 -20.70
CA ASN A 75 -15.78 -6.11 -21.89
C ASN A 75 -15.51 -5.32 -23.17
N GLN A 76 -15.50 -3.98 -23.02
CA GLN A 76 -15.15 -3.12 -24.15
C GLN A 76 -13.63 -2.88 -24.17
N LYS A 77 -12.90 -3.56 -23.28
CA LYS A 77 -11.44 -3.44 -23.19
C LYS A 77 -10.96 -2.07 -22.69
N ILE A 78 -11.78 -1.50 -21.82
CA ILE A 78 -11.52 -0.23 -21.15
C ILE A 78 -11.29 -0.51 -19.66
N SER A 79 -10.17 -0.03 -19.12
CA SER A 79 -9.87 -0.24 -17.72
C SER A 79 -10.63 0.75 -16.81
N PRO A 80 -11.27 0.28 -15.73
CA PRO A 80 -12.00 1.20 -14.85
C PRO A 80 -11.04 1.90 -13.86
N ILE A 81 -9.77 1.54 -13.90
CA ILE A 81 -8.78 2.13 -13.00
C ILE A 81 -7.61 2.74 -13.75
N VAL A 82 -6.84 3.60 -13.07
CA VAL A 82 -5.70 4.23 -13.71
C VAL A 82 -4.43 3.41 -13.49
N ASP A 83 -3.91 2.85 -14.57
CA ASP A 83 -2.70 2.01 -14.54
C ASP A 83 -2.36 1.88 -16.01
N LYS A 84 -1.27 2.52 -16.41
CA LYS A 84 -0.90 2.54 -17.80
C LYS A 84 -0.74 1.16 -18.44
N GLU A 85 -0.07 0.25 -17.77
CA GLU A 85 0.15 -1.06 -18.36
C GLU A 85 -1.15 -1.87 -18.45
N ILE A 86 -2.01 -1.75 -17.43
CA ILE A 86 -3.29 -2.48 -17.52
C ILE A 86 -4.08 -1.98 -18.72
N GLN A 87 -4.11 -0.66 -18.94
CA GLN A 87 -4.89 -0.18 -20.06
C GLN A 87 -4.26 -0.59 -21.40
N GLU A 88 -2.94 -0.57 -21.48
CA GLU A 88 -2.23 -0.96 -22.71
C GLU A 88 -2.45 -2.43 -23.00
N TYR A 89 -2.30 -3.30 -22.00
CA TYR A 89 -2.52 -4.72 -22.26
C TYR A 89 -3.97 -5.02 -22.61
N LEU A 90 -4.95 -4.42 -21.93
CA LEU A 90 -6.35 -4.71 -22.26
C LEU A 90 -6.66 -4.28 -23.67
N ALA A 91 -6.13 -3.14 -24.08
CA ALA A 91 -6.45 -2.63 -25.40
C ALA A 91 -5.66 -3.26 -26.54
N GLU A 92 -4.40 -3.66 -26.29
CA GLU A 92 -3.52 -4.12 -27.33
C GLU A 92 -3.07 -5.56 -27.41
N LYS A 93 -3.19 -6.29 -26.31
CA LYS A 93 -2.72 -7.67 -26.32
C LYS A 93 -3.87 -8.64 -26.41
N PRO A 94 -3.64 -9.81 -27.01
CA PRO A 94 -4.71 -10.83 -27.12
C PRO A 94 -4.78 -11.55 -25.76
N LEU A 95 -5.79 -11.19 -24.98
CA LEU A 95 -5.95 -11.79 -23.67
C LEU A 95 -7.25 -12.56 -23.70
N ASN A 96 -7.23 -13.73 -23.05
CA ASN A 96 -8.47 -14.50 -22.98
C ASN A 96 -9.08 -13.99 -21.65
N PHE A 97 -9.75 -12.85 -21.76
CA PHE A 97 -10.29 -12.14 -20.61
C PHE A 97 -11.69 -11.62 -20.89
N ARG A 98 -12.61 -11.79 -19.95
CA ARG A 98 -13.93 -11.19 -20.06
C ARG A 98 -14.45 -10.93 -18.66
N ALA A 99 -15.52 -10.15 -18.57
CA ALA A 99 -16.11 -9.81 -17.28
C ALA A 99 -17.59 -10.15 -17.23
N THR A 100 -18.09 -10.33 -16.02
CA THR A 100 -19.51 -10.64 -15.87
C THR A 100 -19.98 -10.22 -14.49
N THR A 101 -21.31 -10.03 -14.35
CA THR A 101 -21.87 -9.74 -13.02
C THR A 101 -22.53 -11.02 -12.50
N ASP A 102 -22.53 -12.09 -13.30
CA ASP A 102 -23.17 -13.35 -12.91
C ASP A 102 -22.23 -14.31 -12.19
N LYS A 103 -22.48 -14.51 -10.89
CA LYS A 103 -21.63 -15.38 -10.09
C LYS A 103 -21.55 -16.80 -10.58
N HIS A 104 -22.66 -17.34 -11.08
CA HIS A 104 -22.61 -18.71 -11.55
C HIS A 104 -21.75 -18.84 -12.80
N ASP A 105 -21.89 -17.86 -13.70
CA ASP A 105 -21.10 -17.84 -14.93
C ASP A 105 -19.62 -17.68 -14.51
N ALA A 106 -19.37 -16.80 -13.54
CA ALA A 106 -17.95 -16.58 -13.18
C ALA A 106 -17.31 -17.76 -12.48
N TYR A 107 -17.96 -18.36 -11.50
CA TYR A 107 -17.29 -19.42 -10.72
C TYR A 107 -17.36 -20.83 -11.26
N ARG A 108 -18.37 -21.11 -12.08
CA ARG A 108 -18.46 -22.46 -12.55
C ARG A 108 -17.25 -22.85 -13.39
N ASN A 109 -16.76 -24.04 -13.09
CA ASN A 109 -15.61 -24.64 -13.82
C ASN A 109 -14.30 -23.97 -13.59
N ALA A 110 -14.27 -23.04 -12.65
CA ALA A 110 -12.97 -22.38 -12.34
C ALA A 110 -12.02 -23.33 -11.64
N ASP A 111 -10.75 -23.31 -12.04
CA ASP A 111 -9.75 -24.09 -11.34
C ASP A 111 -9.30 -23.32 -10.08
N TYR A 112 -9.12 -22.00 -10.25
CA TYR A 112 -8.74 -21.12 -9.10
C TYR A 112 -9.66 -19.91 -9.13
N VAL A 113 -9.93 -19.34 -7.94
CA VAL A 113 -10.66 -18.08 -7.86
C VAL A 113 -9.75 -17.17 -7.03
N ILE A 114 -9.32 -16.06 -7.60
CA ILE A 114 -8.48 -15.10 -6.88
C ILE A 114 -9.44 -14.11 -6.19
N ILE A 115 -9.34 -14.00 -4.87
CA ILE A 115 -10.24 -13.11 -4.10
C ILE A 115 -9.43 -11.84 -3.83
N ALA A 116 -9.89 -10.71 -4.41
CA ALA A 116 -9.19 -9.43 -4.34
C ALA A 116 -10.22 -8.32 -4.10
N THR A 117 -11.14 -8.62 -3.20
CA THR A 117 -12.21 -7.67 -2.83
C THR A 117 -11.69 -6.74 -1.72
N PRO A 118 -12.37 -5.61 -1.53
CA PRO A 118 -11.90 -4.67 -0.51
C PRO A 118 -12.01 -5.10 0.93
N THR A 119 -10.96 -4.79 1.70
CA THR A 119 -10.93 -5.08 3.15
C THR A 119 -10.29 -3.87 3.83
N ASP A 120 -10.50 -3.74 5.12
CA ASP A 120 -9.93 -2.58 5.80
C ASP A 120 -9.74 -2.88 7.27
N TYR A 121 -8.60 -2.40 7.78
CA TYR A 121 -8.29 -2.57 9.19
C TYR A 121 -8.39 -1.18 9.83
N ASP A 122 -9.12 -1.09 10.94
CA ASP A 122 -9.27 0.20 11.68
C ASP A 122 -8.45 0.09 12.99
N PRO A 123 -7.31 0.81 13.06
CA PRO A 123 -6.52 0.71 14.28
C PRO A 123 -7.16 1.19 15.58
N LYS A 124 -8.08 2.13 15.46
CA LYS A 124 -8.73 2.64 16.66
C LYS A 124 -9.55 1.57 17.39
N THR A 125 -10.19 0.68 16.64
CA THR A 125 -11.02 -0.36 17.23
C THR A 125 -10.43 -1.76 17.11
N ASN A 126 -9.32 -1.87 16.38
CA ASN A 126 -8.66 -3.15 16.10
C ASN A 126 -9.62 -4.07 15.35
N TYR A 127 -10.45 -3.49 14.53
CA TYR A 127 -11.41 -4.27 13.72
C TYR A 127 -10.94 -4.41 12.26
N PHE A 128 -10.88 -5.66 11.79
CA PHE A 128 -10.48 -5.90 10.41
C PHE A 128 -11.74 -6.37 9.67
N ASN A 129 -12.24 -5.51 8.76
CA ASN A 129 -13.44 -5.84 8.01
C ASN A 129 -13.01 -6.75 6.81
N THR A 130 -13.43 -8.01 6.93
CA THR A 130 -13.15 -9.05 5.93
C THR A 130 -14.45 -9.55 5.29
N SER A 131 -15.55 -8.81 5.46
CA SER A 131 -16.84 -9.23 4.96
C SER A 131 -16.83 -9.54 3.47
N THR A 132 -16.11 -8.78 2.64
CA THR A 132 -16.20 -9.08 1.21
C THR A 132 -15.53 -10.41 0.85
N VAL A 133 -14.47 -10.76 1.57
CA VAL A 133 -13.72 -11.97 1.35
C VAL A 133 -14.59 -13.12 1.83
N GLU A 134 -15.22 -12.99 3.01
CA GLU A 134 -16.07 -14.07 3.50
C GLU A 134 -17.31 -14.29 2.59
N ALA A 135 -17.79 -13.23 1.94
CA ALA A 135 -18.92 -13.38 1.02
C ALA A 135 -18.46 -14.20 -0.20
N VAL A 136 -17.25 -13.90 -0.72
CA VAL A 136 -16.80 -14.71 -1.87
C VAL A 136 -16.58 -16.16 -1.46
N ILE A 137 -15.97 -16.43 -0.29
CA ILE A 137 -15.76 -17.80 0.15
C ILE A 137 -17.12 -18.52 0.23
N ARG A 138 -18.12 -17.81 0.77
CA ARG A 138 -19.49 -18.38 0.80
C ARG A 138 -19.99 -18.76 -0.59
N ASP A 139 -19.87 -17.83 -1.53
CA ASP A 139 -20.40 -18.07 -2.90
C ASP A 139 -19.65 -19.14 -3.63
N VAL A 140 -18.31 -19.14 -3.55
CA VAL A 140 -17.58 -20.20 -4.26
C VAL A 140 -17.84 -21.55 -3.67
N THR A 141 -17.92 -21.65 -2.33
CA THR A 141 -18.17 -22.91 -1.70
C THR A 141 -19.49 -23.50 -2.17
N GLU A 142 -20.47 -22.64 -2.37
CA GLU A 142 -21.79 -23.13 -2.79
C GLU A 142 -21.83 -23.48 -4.27
N ILE A 143 -21.24 -22.61 -5.07
CA ILE A 143 -21.34 -22.74 -6.55
C ILE A 143 -20.32 -23.71 -7.13
N ASN A 144 -19.09 -23.68 -6.61
CA ASN A 144 -18.06 -24.58 -7.15
C ASN A 144 -17.12 -24.96 -6.00
N PRO A 145 -17.48 -25.96 -5.21
CA PRO A 145 -16.67 -26.40 -4.07
C PRO A 145 -15.35 -27.03 -4.48
N ASN A 146 -15.14 -27.26 -5.78
CA ASN A 146 -13.84 -27.81 -6.18
C ASN A 146 -12.84 -26.75 -6.59
N ALA A 147 -13.27 -25.50 -6.71
CA ALA A 147 -12.32 -24.44 -7.03
C ALA A 147 -11.37 -24.20 -5.88
N VAL A 148 -10.14 -23.78 -6.19
CA VAL A 148 -9.17 -23.45 -5.14
C VAL A 148 -9.12 -21.93 -5.04
N MET A 149 -9.50 -21.37 -3.86
CA MET A 149 -9.49 -19.93 -3.69
C MET A 149 -8.11 -19.46 -3.21
N ILE A 150 -7.64 -18.41 -3.89
CA ILE A 150 -6.39 -17.73 -3.52
C ILE A 150 -6.76 -16.34 -3.05
N ILE A 151 -6.53 -16.06 -1.77
CA ILE A 151 -6.84 -14.69 -1.27
C ILE A 151 -5.65 -13.80 -1.49
N LYS A 152 -5.86 -12.70 -2.25
CA LYS A 152 -4.81 -11.70 -2.43
C LYS A 152 -5.16 -10.44 -1.62
N SER A 153 -6.44 -10.26 -1.26
CA SER A 153 -6.83 -9.14 -0.36
C SER A 153 -6.07 -9.22 0.95
N THR A 154 -5.89 -8.07 1.60
CA THR A 154 -5.24 -8.06 2.92
C THR A 154 -6.27 -8.60 3.94
N ILE A 155 -5.77 -9.50 4.79
CA ILE A 155 -6.56 -10.16 5.80
C ILE A 155 -5.74 -10.25 7.09
N PRO A 156 -6.42 -10.45 8.21
CA PRO A 156 -5.69 -10.53 9.48
C PRO A 156 -4.89 -11.80 9.66
N VAL A 157 -3.83 -11.74 10.45
CA VAL A 157 -3.01 -12.90 10.71
C VAL A 157 -3.84 -13.97 11.39
N GLY A 158 -3.88 -15.17 10.75
CA GLY A 158 -4.65 -16.28 11.26
C GLY A 158 -5.99 -16.42 10.55
N PHE A 159 -6.31 -15.51 9.64
CA PHE A 159 -7.61 -15.57 8.96
C PHE A 159 -7.92 -16.86 8.25
N THR A 160 -6.97 -17.32 7.44
CA THR A 160 -7.26 -18.46 6.57
C THR A 160 -7.38 -19.76 7.30
N ARG A 161 -6.48 -20.00 8.27
CA ARG A 161 -6.57 -21.21 9.09
C ARG A 161 -7.92 -21.20 9.82
N ASP A 162 -8.32 -20.04 10.34
CA ASP A 162 -9.61 -19.97 11.06
C ASP A 162 -10.81 -20.15 10.16
N ILE A 163 -10.82 -19.56 8.98
CA ILE A 163 -12.03 -19.68 8.16
C ILE A 163 -12.20 -21.07 7.65
N LYS A 164 -11.09 -21.75 7.34
CA LYS A 164 -11.16 -23.14 6.88
C LYS A 164 -11.75 -24.01 7.98
N GLU A 165 -11.31 -23.80 9.20
CA GLU A 165 -11.81 -24.56 10.34
C GLU A 165 -13.29 -24.22 10.59
N ARG A 166 -13.64 -22.95 10.50
CA ARG A 166 -15.03 -22.56 10.75
C ARG A 166 -16.01 -23.16 9.77
N LEU A 167 -15.71 -23.05 8.50
CA LEU A 167 -16.64 -23.54 7.48
C LEU A 167 -16.47 -25.01 7.15
N GLY A 168 -15.41 -25.65 7.66
CA GLY A 168 -15.16 -27.04 7.37
C GLY A 168 -14.69 -27.27 5.93
N ILE A 169 -13.94 -26.32 5.37
CA ILE A 169 -13.48 -26.44 3.98
C ILE A 169 -11.96 -26.43 3.94
N ASP A 170 -11.42 -26.90 2.82
CA ASP A 170 -9.96 -26.94 2.69
C ASP A 170 -9.42 -26.09 1.54
N ASN A 171 -10.29 -25.57 0.71
CA ASN A 171 -9.85 -24.95 -0.55
C ASN A 171 -9.62 -23.44 -0.53
N VAL A 172 -8.89 -22.99 0.50
CA VAL A 172 -8.59 -21.56 0.60
C VAL A 172 -7.11 -21.44 0.96
N ILE A 173 -6.40 -20.58 0.23
CA ILE A 173 -4.98 -20.37 0.42
C ILE A 173 -4.75 -18.86 0.33
N PHE A 174 -3.91 -18.32 1.20
CA PHE A 174 -3.54 -16.90 1.14
C PHE A 174 -2.23 -16.71 0.38
N SER A 175 -2.13 -15.65 -0.43
CA SER A 175 -0.87 -15.30 -1.13
C SER A 175 -0.76 -13.79 -1.06
N PRO A 176 0.27 -13.27 -0.41
CA PRO A 176 0.38 -11.82 -0.32
C PRO A 176 0.62 -11.14 -1.64
N GLU A 177 0.11 -9.93 -1.77
CA GLU A 177 0.38 -9.14 -2.98
C GLU A 177 1.36 -8.03 -2.58
N PHE A 178 2.31 -7.77 -3.47
CA PHE A 178 3.33 -6.76 -3.21
C PHE A 178 3.25 -5.66 -4.27
N LEU A 179 2.05 -5.28 -4.64
CA LEU A 179 1.87 -4.32 -5.75
C LEU A 179 1.71 -2.86 -5.31
N ARG A 180 2.16 -1.97 -6.17
CA ARG A 180 2.00 -0.51 -5.96
C ARG A 180 0.85 -0.04 -6.82
N GLU A 181 -0.15 0.63 -6.23
CA GLU A 181 -1.28 1.17 -7.01
C GLU A 181 -0.69 2.12 -8.07
N GLY A 182 -1.16 2.00 -9.32
CA GLY A 182 -0.65 2.80 -10.41
C GLY A 182 0.41 2.09 -11.23
N ARG A 183 1.03 1.04 -10.69
CA ARG A 183 2.04 0.25 -11.40
C ARG A 183 1.81 -1.19 -11.00
N ALA A 184 0.55 -1.55 -10.88
CA ALA A 184 0.22 -2.90 -10.37
C ALA A 184 0.52 -3.98 -11.38
N LEU A 185 0.19 -3.77 -12.65
CA LEU A 185 0.54 -4.81 -13.60
C LEU A 185 2.05 -4.84 -13.76
N TYR A 186 2.71 -3.69 -13.81
CA TYR A 186 4.17 -3.72 -13.89
C TYR A 186 4.79 -4.52 -12.74
N ASP A 187 4.23 -4.39 -11.53
CA ASP A 187 4.82 -5.10 -10.39
C ASP A 187 4.54 -6.62 -10.46
N ASN A 188 3.46 -7.02 -11.16
CA ASN A 188 3.22 -8.46 -11.35
C ASN A 188 4.07 -8.99 -12.51
N LEU A 189 4.42 -8.13 -13.48
CA LEU A 189 5.32 -8.53 -14.56
C LEU A 189 6.78 -8.63 -14.07
N HIS A 190 7.12 -7.89 -13.02
CA HIS A 190 8.50 -7.84 -12.44
C HIS A 190 8.39 -7.89 -10.90
N PRO A 191 7.92 -9.01 -10.36
CA PRO A 191 7.75 -9.08 -8.90
C PRO A 191 9.01 -9.33 -8.09
N SER A 192 9.04 -8.77 -6.87
CA SER A 192 10.14 -9.02 -5.96
C SER A 192 10.24 -10.52 -5.66
N ARG A 193 9.06 -11.10 -5.39
CA ARG A 193 8.99 -12.55 -5.14
C ARG A 193 7.55 -12.95 -5.20
N ILE A 194 7.34 -14.27 -5.20
CA ILE A 194 6.00 -14.85 -5.15
C ILE A 194 5.97 -15.69 -3.88
N VAL A 195 4.97 -15.47 -3.03
CA VAL A 195 4.82 -16.28 -1.80
C VAL A 195 3.42 -16.85 -1.80
N ILE A 196 3.32 -18.16 -1.68
CA ILE A 196 2.01 -18.82 -1.58
C ILE A 196 1.95 -19.53 -0.22
N GLY A 197 0.90 -19.25 0.54
CA GLY A 197 0.74 -19.81 1.87
C GLY A 197 0.23 -21.22 2.02
N GLU A 198 0.66 -22.09 1.10
CA GLU A 198 0.40 -23.52 1.29
C GLU A 198 1.54 -24.26 0.63
N ARG A 199 1.92 -25.40 1.23
CA ARG A 199 3.00 -26.26 0.68
C ARG A 199 2.32 -27.45 0.02
N SER A 200 2.13 -27.35 -1.30
CA SER A 200 1.41 -28.39 -2.03
C SER A 200 1.57 -28.19 -3.51
N ALA A 201 1.27 -29.22 -4.28
CA ALA A 201 1.36 -29.10 -5.71
C ALA A 201 0.35 -28.06 -6.26
N ARG A 202 -0.86 -27.98 -5.65
CA ARG A 202 -1.81 -27.01 -6.20
C ARG A 202 -1.35 -25.57 -5.91
N ALA A 203 -0.62 -25.37 -4.80
CA ALA A 203 -0.06 -24.03 -4.53
C ALA A 203 1.05 -23.72 -5.54
N GLU A 204 1.89 -24.74 -5.82
CA GLU A 204 2.98 -24.53 -6.78
C GLU A 204 2.46 -24.27 -8.19
N ARG A 205 1.32 -24.91 -8.58
CA ARG A 205 0.75 -24.66 -9.89
C ARG A 205 0.25 -23.22 -9.96
N PHE A 206 -0.25 -22.69 -8.84
CA PHE A 206 -0.68 -21.30 -8.92
C PHE A 206 0.54 -20.39 -9.06
N ALA A 207 1.62 -20.68 -8.31
CA ALA A 207 2.84 -19.89 -8.47
C ALA A 207 3.32 -19.96 -9.94
N ASP A 208 3.23 -21.14 -10.55
CA ASP A 208 3.65 -21.28 -11.95
C ASP A 208 2.85 -20.36 -12.86
N LEU A 209 1.56 -20.15 -12.58
CA LEU A 209 0.75 -19.22 -13.39
C LEU A 209 1.31 -17.80 -13.30
N LEU A 210 1.73 -17.42 -12.09
CA LEU A 210 2.26 -16.07 -11.90
C LEU A 210 3.61 -15.90 -12.59
N LYS A 211 4.39 -16.97 -12.64
CA LYS A 211 5.71 -16.89 -13.30
C LYS A 211 5.58 -16.93 -14.81
N GLU A 212 4.61 -17.69 -15.33
CA GLU A 212 4.42 -17.85 -16.78
C GLU A 212 4.08 -16.50 -17.42
N GLY A 213 3.28 -15.71 -16.73
CA GLY A 213 2.88 -14.43 -17.30
C GLY A 213 3.88 -13.29 -17.12
N ALA A 214 4.82 -13.47 -16.23
CA ALA A 214 5.78 -12.43 -15.93
C ALA A 214 6.84 -12.24 -17.01
N ILE A 215 7.40 -11.03 -17.02
CA ILE A 215 8.52 -10.70 -17.93
C ILE A 215 9.81 -11.09 -17.18
N LYS A 216 9.94 -10.70 -15.90
CA LYS A 216 11.09 -11.10 -15.11
C LYS A 216 11.21 -12.63 -15.04
N GLN A 217 12.43 -13.15 -15.16
CA GLN A 217 12.67 -14.59 -15.10
C GLN A 217 13.29 -14.98 -13.78
N ASP A 218 13.24 -16.27 -13.46
CA ASP A 218 13.78 -16.83 -12.21
C ASP A 218 13.35 -16.00 -10.99
N ILE A 219 12.05 -15.80 -10.89
CA ILE A 219 11.48 -15.03 -9.76
C ILE A 219 11.57 -15.87 -8.44
N PRO A 220 12.09 -15.28 -7.36
CA PRO A 220 12.19 -16.01 -6.08
C PRO A 220 10.78 -16.43 -5.68
N THR A 221 10.66 -17.69 -5.31
CA THR A 221 9.37 -18.28 -4.96
C THR A 221 9.45 -19.01 -3.65
N LEU A 222 8.50 -18.72 -2.77
CA LEU A 222 8.48 -19.31 -1.43
C LEU A 222 7.13 -19.89 -1.12
N PHE A 223 7.14 -21.11 -0.58
CA PHE A 223 5.89 -21.74 -0.15
C PHE A 223 5.98 -21.86 1.34
N THR A 224 4.95 -21.34 2.02
CA THR A 224 4.92 -21.39 3.48
C THR A 224 3.59 -21.98 3.96
N ASP A 225 3.45 -22.16 5.28
CA ASP A 225 2.14 -22.51 5.82
C ASP A 225 1.30 -21.24 5.89
N SER A 226 0.02 -21.37 6.25
CA SER A 226 -0.89 -20.28 6.11
C SER A 226 -0.70 -19.02 6.92
N THR A 227 -0.64 -19.20 8.23
CA THR A 227 -0.55 -18.04 9.14
C THR A 227 0.79 -17.32 8.93
N GLU A 228 1.84 -18.09 8.66
CA GLU A 228 3.13 -17.47 8.35
C GLU A 228 3.04 -16.56 7.13
N ALA A 229 2.36 -16.98 6.06
CA ALA A 229 2.26 -16.11 4.89
C ALA A 229 1.51 -14.87 5.21
N GLU A 230 0.50 -14.97 6.07
CA GLU A 230 -0.30 -13.79 6.38
C GLU A 230 0.44 -12.77 7.21
N ALA A 231 1.51 -13.18 7.85
CA ALA A 231 2.30 -12.25 8.68
C ALA A 231 3.38 -11.56 7.90
N ILE A 232 3.74 -12.06 6.71
CA ILE A 232 4.89 -11.46 5.99
C ILE A 232 4.75 -9.98 5.70
N LYS A 233 3.66 -9.52 5.12
CA LYS A 233 3.60 -8.10 4.80
C LYS A 233 3.60 -7.22 6.02
N LEU A 234 2.98 -7.63 7.12
CA LEU A 234 3.00 -6.78 8.32
C LEU A 234 4.45 -6.66 8.80
N PHE A 235 5.20 -7.76 8.80
CA PHE A 235 6.60 -7.64 9.26
C PHE A 235 7.46 -6.91 8.25
N ALA A 236 7.20 -7.06 6.95
CA ALA A 236 8.01 -6.30 5.98
C ALA A 236 7.69 -4.81 6.05
N ASN A 237 6.39 -4.45 6.06
CA ASN A 237 6.06 -3.01 6.13
C ASN A 237 6.48 -2.40 7.43
N THR A 238 6.44 -3.15 8.51
CA THR A 238 6.87 -2.57 9.78
C THR A 238 8.40 -2.36 9.80
N TYR A 239 9.15 -3.26 9.16
CA TYR A 239 10.59 -2.98 9.04
C TYR A 239 10.81 -1.71 8.25
N LEU A 240 10.08 -1.51 7.16
CA LEU A 240 10.29 -0.27 6.41
C LEU A 240 9.96 0.95 7.27
N ALA A 241 8.88 0.88 8.06
CA ALA A 241 8.56 2.01 8.96
C ALA A 241 9.67 2.19 10.00
N LEU A 242 10.20 1.09 10.50
CA LEU A 242 11.30 1.19 11.48
C LEU A 242 12.51 1.86 10.87
N ARG A 243 12.81 1.51 9.63
CA ARG A 243 13.98 2.09 8.96
C ARG A 243 13.76 3.60 8.79
N VAL A 244 12.57 4.01 8.30
CA VAL A 244 12.31 5.45 8.18
C VAL A 244 12.35 6.12 9.54
N ALA A 245 11.76 5.49 10.56
CA ALA A 245 11.75 6.10 11.89
C ALA A 245 13.18 6.26 12.44
N TYR A 246 14.04 5.27 12.16
CA TYR A 246 15.42 5.35 12.64
C TYR A 246 16.16 6.51 11.96
N PHE A 247 16.07 6.62 10.63
CA PHE A 247 16.78 7.71 9.97
C PHE A 247 16.17 9.03 10.37
N ASN A 248 14.88 9.01 10.72
CA ASN A 248 14.28 10.28 11.20
C ASN A 248 14.80 10.62 12.58
N GLU A 249 15.06 9.64 13.46
CA GLU A 249 15.63 9.97 14.76
C GLU A 249 17.08 10.43 14.60
N LEU A 250 17.81 9.83 13.67
CA LEU A 250 19.18 10.32 13.40
C LEU A 250 19.06 11.81 12.98
N ASP A 251 18.07 12.11 12.11
CA ASP A 251 17.88 13.48 11.65
C ASP A 251 17.47 14.45 12.76
N SER A 252 16.63 13.99 13.69
CA SER A 252 16.27 14.84 14.86
C SER A 252 17.53 15.20 15.66
N TYR A 253 18.41 14.20 15.86
CA TYR A 253 19.64 14.45 16.55
C TYR A 253 20.51 15.42 15.79
N ALA A 254 20.66 15.22 14.47
CA ALA A 254 21.52 16.13 13.69
C ALA A 254 20.99 17.56 13.77
N GLU A 255 19.69 17.71 13.65
CA GLU A 255 19.14 19.09 13.70
C GLU A 255 19.38 19.67 15.08
N SER A 256 19.13 18.88 16.13
CA SER A 256 19.28 19.36 17.50
C SER A 256 20.73 19.77 17.79
N GLN A 257 21.67 19.08 17.16
CA GLN A 257 23.11 19.30 17.44
C GLN A 257 23.81 20.17 16.45
N GLY A 258 23.07 20.70 15.48
CA GLY A 258 23.68 21.56 14.48
C GLY A 258 24.60 20.83 13.51
N LEU A 259 24.31 19.56 13.23
CA LEU A 259 25.15 18.76 12.34
C LEU A 259 24.50 18.55 10.99
N ASN A 260 25.32 18.16 10.02
CA ASN A 260 24.87 17.92 8.65
C ASN A 260 24.38 16.45 8.54
N SER A 261 23.06 16.30 8.46
CA SER A 261 22.45 14.99 8.41
C SER A 261 22.89 14.19 7.19
N LYS A 262 23.03 14.86 6.05
CA LYS A 262 23.43 14.17 4.84
C LYS A 262 24.82 13.52 4.96
N GLN A 263 25.76 14.23 5.60
CA GLN A 263 27.08 13.64 5.79
C GLN A 263 27.01 12.39 6.65
N ILE A 264 26.22 12.44 7.72
CA ILE A 264 26.14 11.28 8.59
C ILE A 264 25.44 10.11 7.86
N ILE A 265 24.30 10.41 7.23
CA ILE A 265 23.55 9.34 6.59
C ILE A 265 24.31 8.71 5.46
N GLU A 266 24.98 9.52 4.63
CA GLU A 266 25.75 8.92 3.54
C GLU A 266 26.86 8.04 4.11
N GLY A 267 27.53 8.48 5.19
CA GLY A 267 28.58 7.61 5.72
C GLY A 267 28.10 6.31 6.29
N VAL A 268 26.95 6.40 6.97
CA VAL A 268 26.34 5.20 7.52
C VAL A 268 25.91 4.23 6.42
N CYS A 269 25.27 4.78 5.40
CA CYS A 269 24.64 3.94 4.36
C CYS A 269 25.60 3.34 3.34
N LEU A 270 26.85 3.79 3.40
CA LEU A 270 27.89 3.18 2.59
C LEU A 270 28.29 1.82 3.18
N ASP A 271 27.80 1.45 4.38
CA ASP A 271 28.02 0.07 4.86
C ASP A 271 27.03 -0.77 4.00
N PRO A 272 27.51 -1.77 3.23
CA PRO A 272 26.58 -2.54 2.40
C PRO A 272 25.54 -3.33 3.18
N ARG A 273 25.76 -3.53 4.49
CA ARG A 273 24.72 -4.20 5.31
C ARG A 273 23.54 -3.26 5.57
N ILE A 274 23.72 -1.97 5.29
CA ILE A 274 22.67 -0.95 5.55
C ILE A 274 22.11 -0.43 4.24
N GLY A 275 22.96 0.03 3.32
CA GLY A 275 22.51 0.45 1.99
C GLY A 275 21.98 1.85 1.88
N ASN A 276 22.09 2.42 0.67
CA ASN A 276 21.68 3.81 0.41
C ASN A 276 20.23 4.06 0.00
N HIS A 277 19.35 3.17 0.39
CA HIS A 277 17.96 3.32 0.03
C HIS A 277 17.10 3.57 1.26
N TYR A 278 15.86 4.03 1.07
CA TYR A 278 14.94 4.23 2.21
C TYR A 278 15.58 4.83 3.42
N ASN A 279 16.23 5.96 3.19
CA ASN A 279 17.01 6.60 4.22
C ASN A 279 16.89 8.12 4.12
N ASN A 280 15.80 8.59 3.49
CA ASN A 280 15.60 10.04 3.29
C ASN A 280 14.73 10.62 4.42
N PRO A 281 15.26 11.48 5.27
CA PRO A 281 14.45 12.04 6.37
C PRO A 281 13.18 12.70 5.89
N SER A 282 12.20 12.66 6.79
CA SER A 282 10.90 13.20 6.45
C SER A 282 10.20 13.63 7.70
N PHE A 283 8.94 14.06 7.53
CA PHE A 283 8.18 14.49 8.71
C PHE A 283 7.54 13.30 9.45
N GLY A 284 7.83 12.09 8.95
CA GLY A 284 7.32 10.85 9.58
C GLY A 284 6.91 9.90 8.48
N TYR A 285 6.88 8.60 8.80
CA TYR A 285 6.42 7.70 7.74
C TYR A 285 4.91 7.87 7.58
N GLY A 286 4.46 7.78 6.32
CA GLY A 286 3.03 7.91 6.06
C GLY A 286 2.62 6.99 4.93
N GLY A 287 1.69 7.45 4.10
CA GLY A 287 1.23 6.58 3.03
C GLY A 287 0.02 5.77 3.51
N TYR A 288 -0.42 4.88 2.64
CA TYR A 288 -1.62 4.14 2.92
C TYR A 288 -1.47 2.84 3.68
N CYS A 289 -0.22 2.41 3.83
CA CYS A 289 0.01 1.14 4.53
C CYS A 289 0.79 1.20 5.82
N LEU A 290 1.90 1.92 5.83
CA LEU A 290 2.74 1.86 7.02
C LEU A 290 2.08 2.28 8.33
N PRO A 291 1.37 3.41 8.38
CA PRO A 291 0.74 3.77 9.68
C PRO A 291 -0.23 2.75 10.23
N LYS A 292 -1.03 2.16 9.35
CA LYS A 292 -1.98 1.15 9.83
C LYS A 292 -1.33 -0.20 10.10
N ASP A 293 -0.37 -0.61 9.27
CA ASP A 293 0.22 -1.94 9.47
C ASP A 293 1.08 -2.01 10.71
N THR A 294 1.79 -0.93 11.02
CA THR A 294 2.61 -0.94 12.22
C THR A 294 1.69 -1.09 13.46
N LYS A 295 0.54 -0.39 13.43
CA LYS A 295 -0.41 -0.50 14.54
C LYS A 295 -1.09 -1.91 14.58
N GLN A 296 -1.40 -2.47 13.42
CA GLN A 296 -2.00 -3.79 13.34
C GLN A 296 -1.03 -4.82 13.92
N LEU A 297 0.25 -4.70 13.54
CA LEU A 297 1.25 -5.64 14.09
C LEU A 297 1.38 -5.46 15.61
N LEU A 298 1.43 -4.21 16.09
CA LEU A 298 1.52 -4.00 17.54
C LEU A 298 0.32 -4.64 18.27
N ALA A 299 -0.88 -4.53 17.68
CA ALA A 299 -2.03 -5.18 18.35
C ALA A 299 -1.80 -6.68 18.42
N ASN A 300 -1.19 -7.27 17.38
CA ASN A 300 -0.93 -8.70 17.40
C ASN A 300 0.11 -9.10 18.43
N TYR A 301 0.86 -8.12 18.95
CA TYR A 301 1.86 -8.39 20.01
C TYR A 301 1.32 -8.18 21.42
N GLU A 302 -0.01 -8.09 21.57
CA GLU A 302 -0.56 -7.87 22.92
C GLU A 302 -0.02 -8.81 24.02
N SER A 303 0.27 -10.06 23.68
CA SER A 303 0.77 -11.01 24.66
C SER A 303 2.24 -11.39 24.47
N VAL A 304 2.96 -10.63 23.64
CA VAL A 304 4.36 -10.93 23.35
C VAL A 304 5.26 -9.78 23.79
N PRO A 305 6.17 -10.04 24.74
CA PRO A 305 7.10 -9.02 25.25
C PRO A 305 7.84 -8.34 24.10
N ASN A 306 7.86 -7.01 24.08
CA ASN A 306 8.59 -6.33 22.99
C ASN A 306 8.89 -4.89 23.37
N ASN A 307 9.91 -4.33 22.71
CA ASN A 307 10.13 -2.89 22.81
C ASN A 307 10.18 -2.25 21.43
N ILE A 308 10.73 -2.92 20.44
CA ILE A 308 10.85 -2.30 19.10
C ILE A 308 9.47 -2.14 18.45
N ILE A 309 8.64 -3.18 18.47
CA ILE A 309 7.34 -3.03 17.80
C ILE A 309 6.56 -1.81 18.31
N ALA A 310 6.47 -1.68 19.63
CA ALA A 310 5.72 -0.56 20.17
C ALA A 310 6.45 0.79 19.87
N ALA A 311 7.78 0.78 19.88
CA ALA A 311 8.53 2.04 19.62
C ALA A 311 8.38 2.54 18.21
N ILE A 312 8.12 1.66 17.24
CA ILE A 312 7.96 2.13 15.88
C ILE A 312 6.73 3.04 15.79
N VAL A 313 5.65 2.66 16.48
CA VAL A 313 4.48 3.52 16.49
C VAL A 313 4.76 4.83 17.27
N ASP A 314 5.30 4.69 18.47
CA ASP A 314 5.55 5.87 19.30
C ASP A 314 6.53 6.83 18.61
N ALA A 315 7.54 6.29 17.95
CA ALA A 315 8.57 7.13 17.33
C ALA A 315 7.97 8.12 16.34
N ASN A 316 6.96 7.69 15.60
CA ASN A 316 6.37 8.60 14.63
C ASN A 316 5.70 9.80 15.28
N ARG A 317 5.01 9.56 16.40
CA ARG A 317 4.38 10.67 17.14
C ARG A 317 5.49 11.60 17.64
N THR A 318 6.56 11.03 18.21
CA THR A 318 7.67 11.85 18.71
C THR A 318 8.35 12.67 17.60
N ARG A 319 8.51 12.07 16.42
CA ARG A 319 9.14 12.79 15.32
C ARG A 319 8.24 13.95 14.88
N LYS A 320 6.94 13.70 14.81
CA LYS A 320 6.05 14.81 14.39
C LYS A 320 6.07 15.94 15.46
N ASP A 321 6.16 15.58 16.72
CA ASP A 321 6.25 16.60 17.79
C ASP A 321 7.55 17.40 17.60
N PHE A 322 8.65 16.72 17.26
CA PHE A 322 9.93 17.41 17.09
C PHE A 322 9.89 18.40 15.93
N ILE A 323 9.33 17.95 14.80
CA ILE A 323 9.22 18.78 13.60
C ILE A 323 8.31 19.98 13.89
N ALA A 324 7.17 19.72 14.52
CA ALA A 324 6.26 20.85 14.83
C ALA A 324 6.97 21.86 15.75
N ASP A 325 7.66 21.35 16.78
CA ASP A 325 8.36 22.24 17.70
C ASP A 325 9.43 23.05 17.00
N SER A 326 10.15 22.46 16.04
CA SER A 326 11.16 23.19 15.31
C SER A 326 10.53 24.34 14.50
N ILE A 327 9.40 24.05 13.88
CA ILE A 327 8.71 25.10 13.10
C ILE A 327 8.20 26.21 14.02
N LEU A 328 7.57 25.82 15.12
CA LEU A 328 6.98 26.79 16.07
C LEU A 328 8.06 27.66 16.70
N ALA A 329 9.27 27.16 16.84
CA ALA A 329 10.34 27.97 17.41
C ALA A 329 10.72 29.15 16.51
N ARG A 330 10.34 29.12 15.24
CA ARG A 330 10.64 30.21 14.32
C ARG A 330 9.59 31.30 14.47
N LYS A 331 8.65 31.10 15.39
CA LYS A 331 7.58 32.09 15.64
C LYS A 331 6.83 32.57 14.40
N PRO A 332 6.39 31.65 13.56
CA PRO A 332 5.66 32.09 12.36
C PRO A 332 4.26 32.59 12.72
N LYS A 333 3.74 33.56 11.95
CA LYS A 333 2.37 33.99 12.16
C LYS A 333 1.43 33.17 11.28
N VAL A 334 1.94 32.67 10.14
CA VAL A 334 1.13 31.81 9.27
C VAL A 334 2.11 30.76 8.75
N VAL A 335 1.72 29.48 8.80
CA VAL A 335 2.54 28.39 8.22
C VAL A 335 1.85 27.92 6.95
N GLY A 336 2.63 27.72 5.90
CA GLY A 336 2.10 27.27 4.65
C GLY A 336 2.48 25.80 4.46
N VAL A 337 1.49 24.98 4.19
CA VAL A 337 1.74 23.54 3.92
C VAL A 337 1.76 23.38 2.41
N TYR A 338 2.92 23.02 1.87
CA TYR A 338 3.03 22.81 0.43
C TYR A 338 2.81 21.31 0.10
N ARG A 339 1.63 20.98 -0.44
CA ARG A 339 1.12 19.65 -0.87
C ARG A 339 0.63 18.74 0.23
N LEU A 340 -0.48 18.05 -0.02
CA LEU A 340 -1.03 17.07 0.92
C LEU A 340 -0.95 15.68 0.27
N SER A 352 1.66 11.64 3.80
CA SER A 352 0.54 12.22 4.61
C SER A 352 1.01 12.62 6.00
N SER A 353 2.29 12.46 6.33
CA SER A 353 2.72 12.81 7.67
C SER A 353 2.65 14.31 7.90
N ILE A 354 2.62 15.10 6.82
CA ILE A 354 2.56 16.54 7.00
C ILE A 354 1.25 16.91 7.64
N GLN A 355 0.22 16.06 7.51
CA GLN A 355 -1.07 16.33 8.19
C GLN A 355 -0.90 16.35 9.69
N GLY A 356 -0.05 15.44 10.21
CA GLY A 356 0.18 15.41 11.64
C GLY A 356 0.91 16.68 12.11
N ILE A 357 1.75 17.21 11.24
CA ILE A 357 2.48 18.47 11.55
C ILE A 357 1.46 19.62 11.59
N MET A 358 0.60 19.68 10.59
CA MET A 358 -0.44 20.72 10.52
C MET A 358 -1.30 20.67 11.78
N LYS A 359 -1.70 19.45 12.21
CA LYS A 359 -2.53 19.33 13.41
C LYS A 359 -1.87 19.95 14.64
N ARG A 360 -0.59 19.66 14.82
CA ARG A 360 0.13 20.19 15.95
C ARG A 360 0.34 21.71 15.91
N ILE A 361 0.56 22.28 14.73
CA ILE A 361 0.74 23.72 14.61
C ILE A 361 -0.58 24.41 14.97
N LYS A 362 -1.68 23.87 14.44
CA LYS A 362 -3.03 24.44 14.70
C LYS A 362 -3.39 24.30 16.18
N ALA A 363 -2.92 23.23 16.82
CA ALA A 363 -3.18 23.09 18.26
C ALA A 363 -2.54 24.24 19.10
N LYS A 364 -1.51 24.87 18.55
CA LYS A 364 -0.82 25.96 19.23
C LYS A 364 -1.38 27.31 18.84
N GLY A 365 -2.48 27.27 18.10
CA GLY A 365 -3.15 28.49 17.67
C GLY A 365 -2.59 29.28 16.51
N ILE A 366 -1.79 28.63 15.66
CA ILE A 366 -1.20 29.33 14.51
C ILE A 366 -1.91 28.89 13.27
N PRO A 367 -2.34 29.84 12.42
CA PRO A 367 -3.03 29.43 11.20
C PRO A 367 -2.14 28.77 10.17
N VAL A 368 -2.74 27.84 9.44
CA VAL A 368 -2.09 27.10 8.39
C VAL A 368 -2.86 27.31 7.10
N ILE A 369 -2.14 27.56 6.02
CA ILE A 369 -2.74 27.66 4.70
C ILE A 369 -2.16 26.50 3.90
N ILE A 370 -2.93 25.99 2.94
CA ILE A 370 -2.49 24.81 2.19
C ILE A 370 -2.41 25.06 0.72
N TYR A 371 -1.30 24.66 0.07
CA TYR A 371 -1.21 24.75 -1.38
C TYR A 371 -1.33 23.30 -1.88
N GLU A 372 -2.41 22.99 -2.62
CA GLU A 372 -2.62 21.61 -3.15
C GLU A 372 -3.52 21.71 -4.40
N PRO A 373 -2.91 21.84 -5.58
CA PRO A 373 -3.65 21.96 -6.85
C PRO A 373 -4.66 20.86 -7.14
N VAL A 374 -4.46 19.68 -6.55
CA VAL A 374 -5.35 18.55 -6.79
C VAL A 374 -6.66 18.67 -5.99
N MET A 375 -6.63 19.45 -4.91
CA MET A 375 -7.81 19.63 -4.11
C MET A 375 -8.62 20.71 -4.83
N GLN A 376 -9.93 20.58 -4.80
CA GLN A 376 -10.77 21.56 -5.48
C GLN A 376 -11.59 22.37 -4.48
N GLU A 377 -11.56 21.96 -3.21
CA GLU A 377 -12.28 22.65 -2.14
C GLU A 377 -11.44 23.84 -1.67
N ASP A 378 -12.09 24.82 -1.02
CA ASP A 378 -11.31 25.97 -0.54
C ASP A 378 -10.96 25.83 0.94
N GLU A 379 -11.34 24.71 1.54
CA GLU A 379 -11.05 24.44 2.94
C GLU A 379 -10.78 22.95 3.18
N PHE A 380 -9.79 22.62 4.02
CA PHE A 380 -9.42 21.24 4.39
C PHE A 380 -9.13 21.24 5.89
N PHE A 381 -9.87 20.43 6.64
CA PHE A 381 -9.78 20.36 8.10
C PHE A 381 -9.76 21.74 8.76
N ASN A 382 -10.62 22.62 8.27
CA ASN A 382 -10.76 23.96 8.83
C ASN A 382 -9.67 24.96 8.47
N SER A 383 -8.84 24.63 7.47
CA SER A 383 -7.77 25.52 7.03
C SER A 383 -7.99 25.91 5.57
N ARG A 384 -7.64 27.15 5.21
CA ARG A 384 -7.79 27.61 3.85
C ARG A 384 -6.89 26.89 2.86
N VAL A 385 -7.44 26.56 1.68
CA VAL A 385 -6.67 25.99 0.58
C VAL A 385 -6.52 27.17 -0.38
N VAL A 386 -5.29 27.58 -0.62
CA VAL A 386 -5.00 28.75 -1.47
C VAL A 386 -4.61 28.29 -2.88
N ARG A 387 -5.32 28.81 -3.88
CA ARG A 387 -5.09 28.41 -5.27
C ARG A 387 -3.88 29.02 -5.98
N ASP A 388 -3.59 30.27 -5.67
CA ASP A 388 -2.48 30.98 -6.30
C ASP A 388 -1.18 30.76 -5.53
N LEU A 389 -0.23 30.09 -6.16
CA LEU A 389 1.06 29.82 -5.54
C LEU A 389 1.78 31.07 -5.07
N ASN A 390 1.71 32.16 -5.83
CA ASN A 390 2.40 33.35 -5.37
C ASN A 390 1.75 33.95 -4.12
N ALA A 391 0.42 33.86 -4.02
CA ALA A 391 -0.29 34.38 -2.83
C ALA A 391 0.10 33.52 -1.61
N PHE A 392 0.18 32.22 -1.83
CA PHE A 392 0.57 31.28 -0.77
C PHE A 392 1.99 31.61 -0.30
N LYS A 393 2.91 31.77 -1.25
CA LYS A 393 4.29 32.08 -0.91
C LYS A 393 4.43 33.39 -0.14
N GLN A 394 3.65 34.39 -0.54
CA GLN A 394 3.76 35.68 0.13
C GLN A 394 3.24 35.70 1.56
N GLU A 395 2.11 35.05 1.77
CA GLU A 395 1.50 35.04 3.09
C GLU A 395 2.20 34.10 4.10
N ALA A 396 2.70 32.97 3.64
CA ALA A 396 3.35 32.06 4.59
C ALA A 396 4.67 32.59 5.14
N ASP A 397 4.86 32.55 6.45
CA ASP A 397 6.12 32.97 7.06
C ASP A 397 7.15 31.85 7.00
N VAL A 398 6.67 30.61 7.03
CA VAL A 398 7.51 29.41 6.91
C VAL A 398 6.64 28.52 6.02
N ILE A 399 7.26 27.93 5.00
CA ILE A 399 6.58 27.02 4.10
C ILE A 399 7.15 25.62 4.42
N ILE A 400 6.28 24.73 4.81
CA ILE A 400 6.79 23.37 5.11
C ILE A 400 6.45 22.42 3.99
N SER A 401 7.39 21.51 3.70
CA SER A 401 7.15 20.55 2.62
C SER A 401 7.89 19.28 2.97
N ASN A 402 7.25 18.14 2.76
CA ASN A 402 7.94 16.93 3.11
C ASN A 402 9.12 16.75 2.17
N ARG A 403 8.98 17.10 0.91
CA ARG A 403 10.10 16.98 -0.02
C ARG A 403 10.25 18.33 -0.72
N MET A 404 11.48 18.65 -1.09
CA MET A 404 11.72 19.91 -1.80
C MET A 404 11.16 19.81 -3.24
N ALA A 405 10.76 20.95 -3.78
CA ALA A 405 10.22 20.98 -5.14
C ALA A 405 10.82 22.17 -5.87
N GLU A 406 10.98 22.05 -7.18
CA GLU A 406 11.56 23.14 -7.96
C GLU A 406 10.80 24.45 -7.80
N GLU A 407 9.48 24.35 -7.76
CA GLU A 407 8.68 25.57 -7.64
C GLU A 407 8.74 26.27 -6.29
N LEU A 408 9.56 25.76 -5.36
CA LEU A 408 9.74 26.42 -4.08
C LEU A 408 11.15 27.00 -4.06
N ALA A 409 11.88 26.82 -5.17
CA ALA A 409 13.25 27.32 -5.23
C ALA A 409 13.41 28.82 -4.92
N ASP A 410 12.53 29.68 -5.43
CA ASP A 410 12.69 31.12 -5.17
C ASP A 410 12.31 31.59 -3.77
N VAL A 411 11.77 30.70 -2.95
CA VAL A 411 11.44 31.07 -1.56
C VAL A 411 12.15 30.10 -0.64
N ALA A 412 13.20 29.45 -1.16
CA ALA A 412 13.92 28.45 -0.38
C ALA A 412 14.35 28.94 0.98
N ASP A 413 14.55 30.24 1.12
CA ASP A 413 14.97 30.78 2.39
C ASP A 413 13.96 30.57 3.51
N LYS A 414 12.68 30.45 3.15
CA LYS A 414 11.73 30.25 4.23
C LYS A 414 11.07 28.90 4.18
N VAL A 415 11.70 28.00 3.45
CA VAL A 415 11.19 26.64 3.33
C VAL A 415 11.86 25.74 4.37
N TYR A 416 11.04 24.99 5.13
CA TYR A 416 11.55 24.00 6.08
C TYR A 416 11.18 22.60 5.53
N THR A 417 12.21 21.83 5.21
CA THR A 417 12.03 20.47 4.75
C THR A 417 13.24 19.71 5.25
N ARG A 418 13.05 18.42 5.55
CA ARG A 418 14.23 17.62 5.99
C ARG A 418 14.65 16.68 4.86
N ASP A 419 14.05 16.84 3.67
CA ASP A 419 14.42 16.03 2.48
C ASP A 419 15.90 16.24 2.14
N LEU A 420 16.64 15.16 1.88
CA LEU A 420 18.03 15.27 1.50
C LEU A 420 18.30 14.75 0.11
N PHE A 421 17.59 13.67 -0.26
CA PHE A 421 17.89 12.94 -1.50
C PHE A 421 16.90 13.07 -2.62
N GLY A 422 15.75 13.67 -2.36
CA GLY A 422 14.78 13.83 -3.43
C GLY A 422 13.82 12.68 -3.51
N1 U5P B . 9.63 7.35 3.44
C2 U5P B . 10.53 8.27 3.98
N3 U5P B . 11.87 8.20 3.61
C4 U5P B . 12.30 7.23 2.70
C5 U5P B . 11.41 6.30 2.18
C6 U5P B . 10.07 6.36 2.55
O2 U5P B . 10.14 9.10 4.79
O4 U5P B . 13.49 7.21 2.37
C1' U5P B . 8.18 7.45 3.76
C2' U5P B . 7.40 7.82 2.50
O2' U5P B . 7.42 9.25 2.35
C3' U5P B . 6.03 7.26 2.85
C4' U5P B . 6.38 5.96 3.57
O3' U5P B . 5.33 8.14 3.75
O4' U5P B . 7.71 6.14 4.10
C5' U5P B . 6.35 4.76 2.62
O5' U5P B . 7.12 5.07 1.46
P U5P B . 6.97 4.20 0.11
O1P U5P B . 5.39 4.27 -0.23
O2P U5P B . 7.34 2.81 0.43
O3P U5P B . 7.74 4.94 -0.91
#